data_2O3T
#
_entry.id   2O3T
#
_cell.length_a   41.994
_cell.length_b   53.289
_cell.length_c   65.729
_cell.angle_alpha   105.90
_cell.angle_beta   91.76
_cell.angle_gamma   95.16
#
_symmetry.space_group_name_H-M   'P 1'
#
loop_
_entity.id
_entity.type
_entity.pdbx_description
1 polymer 'ADP-ribosyl cyclase 1'
2 non-polymer 'CYCLIC GUANOSINE DIPHOSPHATE-RIBOSE'
3 water water
#
_entity_poly.entity_id   1
_entity_poly.type   'polypeptide(L)'
_entity_poly.pdbx_seq_one_letter_code
;KREAEARWRQTWSGPGTTKRFPETVLARCVKYTEIHPEMRHVDCQSVWDAFKGAFISKHPCDITEEDYQPLMKLGTQTVP
CNKILLWSRIKDLAHQFTQVQRDMFTLEDTLLGYLADDLTWCGEFDTSKINYQSCPDWRKDCSNNPVSVFWKTVSRRFAE
AACDVVHVMLDGSRSKIFDKDSTFGSVQVHNLQPEKVQTLEAWVIHGGREDSRDLCQDPTIKELESIISKRNIQFSCKNI
YRPDKFLQCVKNPEDSSCTSEI
;
_entity_poly.pdbx_strand_id   A,B
#
# COMPACT_ATOMS: atom_id res chain seq x y z
N ARG A 7 -40.52 1.81 3.35
CA ARG A 7 -39.95 2.01 1.97
C ARG A 7 -39.67 0.68 1.29
N TRP A 8 -40.04 0.62 0.02
CA TRP A 8 -40.02 -0.61 -0.75
C TRP A 8 -38.74 -0.78 -1.58
N ARG A 9 -37.87 0.22 -1.55
CA ARG A 9 -36.60 0.18 -2.29
C ARG A 9 -35.49 1.06 -1.67
N GLN A 10 -34.49 0.41 -1.10
CA GLN A 10 -33.41 1.12 -0.44
C GLN A 10 -32.37 1.64 -1.41
N THR A 11 -31.56 2.57 -0.92
CA THR A 11 -30.51 3.19 -1.70
C THR A 11 -29.46 2.16 -2.10
N TRP A 12 -29.02 1.36 -1.13
CA TRP A 12 -27.95 0.42 -1.36
C TRP A 12 -28.45 -1.02 -1.27
N SER A 13 -27.59 -1.94 -1.69
CA SER A 13 -27.94 -3.37 -1.70
C SER A 13 -27.60 -4.15 -0.45
N GLY A 14 -26.79 -3.56 0.44
CA GLY A 14 -26.38 -4.22 1.69
C GLY A 14 -27.27 -3.92 2.88
N PRO A 15 -27.24 -4.79 3.90
CA PRO A 15 -27.90 -4.47 5.18
C PRO A 15 -27.46 -3.11 5.75
N GLY A 16 -28.38 -2.44 6.44
CA GLY A 16 -28.08 -1.14 7.02
C GLY A 16 -27.28 -1.25 8.32
N THR A 17 -26.98 -0.09 8.91
CA THR A 17 -26.22 -0.06 10.17
C THR A 17 -26.90 -0.86 11.29
N THR A 18 -26.09 -1.61 12.03
CA THR A 18 -26.60 -2.38 13.16
C THR A 18 -27.35 -1.44 14.12
N LYS A 19 -28.52 -1.86 14.59
CA LYS A 19 -29.32 -1.02 15.47
C LYS A 19 -28.51 -0.61 16.71
N ARG A 20 -28.67 0.65 17.14
CA ARG A 20 -27.96 1.16 18.32
C ARG A 20 -26.42 1.03 18.21
N PHE A 21 -25.92 1.16 16.99
CA PHE A 21 -24.48 1.10 16.75
C PHE A 21 -23.62 1.97 17.69
N PRO A 22 -23.96 3.26 17.87
CA PRO A 22 -23.13 4.09 18.76
C PRO A 22 -23.04 3.56 20.18
N GLU A 23 -24.20 3.20 20.75
CA GLU A 23 -24.25 2.70 22.13
C GLU A 23 -23.48 1.38 22.26
N THR A 24 -23.60 0.53 21.24
CA THR A 24 -22.93 -0.78 21.21
C THR A 24 -21.42 -0.65 21.15
N VAL A 25 -20.91 0.20 20.26
CA VAL A 25 -19.46 0.39 20.15
C VAL A 25 -18.93 0.97 21.48
N LEU A 26 -19.60 1.99 22.01
CA LEU A 26 -19.14 2.61 23.28
C LEU A 26 -19.08 1.58 24.40
N ALA A 27 -20.12 0.76 24.50
CA ALA A 27 -20.22 -0.22 25.58
C ALA A 27 -19.17 -1.31 25.44
N ARG A 28 -18.95 -1.77 24.21
CA ARG A 28 -17.86 -2.74 23.92
C ARG A 28 -16.50 -2.17 24.32
N CYS A 29 -16.28 -0.89 24.05
CA CYS A 29 -15.04 -0.24 24.45
C CYS A 29 -14.92 -0.20 25.97
N VAL A 30 -15.99 0.14 26.68
CA VAL A 30 -15.93 0.15 28.15
C VAL A 30 -15.59 -1.24 28.68
N LYS A 31 -16.28 -2.23 28.14
CA LYS A 31 -16.09 -3.62 28.59
C LYS A 31 -14.66 -4.11 28.32
N TYR A 32 -14.22 -3.95 27.07
CA TYR A 32 -12.88 -4.39 26.69
C TYR A 32 -11.79 -3.75 27.60
N THR A 33 -11.90 -2.45 27.80
CA THR A 33 -10.90 -1.71 28.58
C THR A 33 -10.97 -2.06 30.08
N GLU A 34 -12.13 -2.54 30.56
CA GLU A 34 -12.24 -2.99 31.96
C GLU A 34 -11.46 -4.29 32.13
N ILE A 35 -11.55 -5.17 31.13
CA ILE A 35 -11.02 -6.53 31.23
C ILE A 35 -9.52 -6.59 30.96
N HIS A 36 -9.06 -5.82 29.97
CA HIS A 36 -7.69 -5.89 29.49
C HIS A 36 -6.87 -4.74 30.03
N PRO A 37 -5.98 -5.01 31.00
CA PRO A 37 -5.27 -3.93 31.70
C PRO A 37 -4.37 -3.10 30.79
N GLU A 38 -3.90 -3.68 29.70
CA GLU A 38 -3.00 -2.93 28.83
C GLU A 38 -3.73 -1.80 28.08
N MET A 39 -5.06 -1.86 28.08
CA MET A 39 -5.88 -0.85 27.42
C MET A 39 -6.74 -0.07 28.44
N ARG A 40 -6.44 -0.22 29.73
CA ARG A 40 -7.32 0.34 30.79
C ARG A 40 -7.37 1.86 30.83
N HIS A 41 -6.51 2.51 30.06
CA HIS A 41 -6.34 3.96 30.07
C HIS A 41 -6.96 4.61 28.83
N VAL A 42 -7.39 3.80 27.87
CA VAL A 42 -8.05 4.29 26.69
C VAL A 42 -9.30 5.08 27.08
N ASP A 43 -9.53 6.21 26.40
CA ASP A 43 -10.71 7.05 26.62
C ASP A 43 -11.74 6.63 25.59
N CYS A 44 -12.82 6.00 26.05
CA CYS A 44 -13.75 5.39 25.11
C CYS A 44 -14.59 6.39 24.33
N GLN A 45 -14.83 7.55 24.91
CA GLN A 45 -15.47 8.64 24.18
C GLN A 45 -14.58 9.05 23.00
N SER A 46 -13.28 9.16 23.23
CA SER A 46 -12.33 9.51 22.15
C SER A 46 -12.34 8.45 21.06
N VAL A 47 -12.42 7.19 21.47
CA VAL A 47 -12.46 6.11 20.51
C VAL A 47 -13.72 6.22 19.63
N TRP A 48 -14.87 6.38 20.27
CA TRP A 48 -16.11 6.52 19.49
C TRP A 48 -16.05 7.71 18.54
N ASP A 49 -15.56 8.84 19.04
CA ASP A 49 -15.44 10.06 18.23
C ASP A 49 -14.58 9.83 17.00
N ALA A 50 -13.49 9.08 17.16
CA ALA A 50 -12.58 8.79 16.05
C ALA A 50 -13.21 7.82 15.08
N PHE A 51 -13.99 6.87 15.60
CA PHE A 51 -14.63 5.83 14.80
C PHE A 51 -15.69 6.54 13.94
N LYS A 52 -16.57 7.30 14.61
CA LYS A 52 -17.57 8.13 13.89
C LYS A 52 -16.94 9.00 12.83
N GLY A 53 -15.84 9.64 13.19
CA GLY A 53 -15.18 10.57 12.29
C GLY A 53 -14.72 9.92 10.99
N ALA A 54 -14.49 8.59 11.01
CA ALA A 54 -14.04 7.87 9.81
C ALA A 54 -15.09 7.85 8.69
N PHE A 55 -16.38 7.87 9.06
CA PHE A 55 -17.45 7.61 8.07
C PHE A 55 -18.63 8.58 8.08
N ILE A 56 -18.89 9.25 9.20
CA ILE A 56 -20.00 10.22 9.27
C ILE A 56 -19.78 11.37 8.30
N SER A 57 -20.85 11.77 7.60
CA SER A 57 -20.80 12.91 6.70
C SER A 57 -19.93 12.65 5.48
N LYS A 58 -19.59 11.39 5.25
CA LYS A 58 -18.76 11.02 4.12
C LYS A 58 -19.55 10.13 3.19
N HIS A 59 -19.27 10.21 1.89
CA HIS A 59 -20.00 9.34 0.95
C HIS A 59 -19.53 7.91 1.21
N PRO A 60 -20.48 6.97 1.43
CA PRO A 60 -20.10 5.61 1.83
C PRO A 60 -19.48 4.74 0.75
N CYS A 61 -19.32 5.30 -0.46
CA CYS A 61 -18.47 4.66 -1.50
C CYS A 61 -17.16 5.38 -1.71
N ASP A 62 -16.76 6.22 -0.74
CA ASP A 62 -15.55 7.02 -0.92
C ASP A 62 -14.72 7.02 0.34
N ILE A 63 -14.62 5.86 0.98
CA ILE A 63 -13.92 5.76 2.25
C ILE A 63 -12.50 5.32 1.96
N THR A 64 -11.55 5.81 2.73
CA THR A 64 -10.14 5.46 2.53
C THR A 64 -9.54 5.00 3.84
N GLU A 65 -8.38 4.35 3.76
CA GLU A 65 -7.68 3.93 4.97
C GLU A 65 -7.36 5.12 5.87
N GLU A 66 -7.03 6.27 5.26
CA GLU A 66 -6.73 7.51 6.00
C GLU A 66 -7.86 7.91 6.92
N ASP A 67 -9.09 7.62 6.49
CA ASP A 67 -10.28 7.96 7.30
C ASP A 67 -10.21 7.33 8.68
N TYR A 68 -9.62 6.14 8.75
CA TYR A 68 -9.56 5.34 9.97
C TYR A 68 -8.28 5.55 10.76
N GLN A 69 -7.37 6.39 10.27
CA GLN A 69 -6.11 6.57 10.99
C GLN A 69 -6.24 7.09 12.43
N PRO A 70 -7.10 8.10 12.68
CA PRO A 70 -7.33 8.53 14.07
C PRO A 70 -7.76 7.37 14.97
N LEU A 71 -8.65 6.52 14.47
CA LEU A 71 -9.11 5.35 15.22
C LEU A 71 -7.99 4.34 15.46
N MET A 72 -7.20 4.08 14.41
CA MET A 72 -6.06 3.16 14.50
C MET A 72 -5.05 3.62 15.56
N LYS A 73 -4.77 4.92 15.57
CA LYS A 73 -3.84 5.48 16.54
C LYS A 73 -4.34 5.25 17.95
N LEU A 74 -5.61 5.59 18.21
CA LEU A 74 -6.17 5.41 19.54
C LEU A 74 -6.23 3.96 19.98
N GLY A 75 -6.39 3.07 19.00
CA GLY A 75 -6.48 1.64 19.24
C GLY A 75 -5.16 0.90 19.15
N THR A 76 -4.04 1.65 19.06
CA THR A 76 -2.69 1.04 19.08
C THR A 76 -2.54 0.05 20.23
N GLN A 77 -2.13 -1.17 19.91
CA GLN A 77 -2.07 -2.24 20.90
C GLN A 77 -1.08 -3.30 20.47
N THR A 78 -0.23 -3.74 21.40
CA THR A 78 0.68 -4.85 21.10
C THR A 78 -0.03 -6.18 21.38
N VAL A 79 0.20 -7.15 20.50
CA VAL A 79 -0.23 -8.52 20.72
C VAL A 79 1.04 -9.38 20.58
N PRO A 80 1.19 -10.44 21.41
CA PRO A 80 2.40 -11.28 21.28
C PRO A 80 2.59 -11.74 19.84
N CYS A 81 3.69 -11.28 19.24
CA CYS A 81 3.86 -11.39 17.78
C CYS A 81 3.94 -12.80 17.29
N ASN A 82 4.41 -13.72 18.15
CA ASN A 82 4.62 -15.13 17.78
C ASN A 82 3.40 -16.02 18.03
N LYS A 83 2.27 -15.42 18.40
CA LYS A 83 1.10 -16.20 18.80
C LYS A 83 -0.16 -15.76 18.04
N ILE A 84 0.03 -15.27 16.83
CA ILE A 84 -1.08 -14.75 16.04
C ILE A 84 -1.76 -15.90 15.27
N LEU A 85 -3.09 -15.88 15.30
CA LEU A 85 -3.94 -16.84 14.57
C LEU A 85 -4.80 -16.08 13.58
N LEU A 86 -4.59 -16.42 12.33
CA LEU A 86 -5.39 -15.87 11.21
C LEU A 86 -6.40 -16.97 10.83
N TRP A 87 -7.38 -16.61 10.00
CA TRP A 87 -8.38 -17.64 9.63
C TRP A 87 -9.08 -17.21 8.36
N SER A 88 -9.76 -18.14 7.72
CA SER A 88 -10.55 -17.78 6.55
C SER A 88 -11.76 -18.74 6.51
N ARG A 89 -12.96 -18.15 6.65
CA ARG A 89 -14.22 -18.90 6.54
C ARG A 89 -14.46 -19.89 7.70
N ILE A 90 -13.78 -19.65 8.83
CA ILE A 90 -13.90 -20.55 9.98
C ILE A 90 -13.64 -19.78 11.31
N LYS A 91 -14.27 -18.60 11.44
CA LYS A 91 -14.07 -17.72 12.60
C LYS A 91 -14.46 -18.41 13.90
N ASP A 92 -15.56 -19.14 13.90
CA ASP A 92 -16.08 -19.70 15.15
C ASP A 92 -15.11 -20.68 15.83
N LEU A 93 -14.52 -21.58 15.05
CA LEU A 93 -13.53 -22.50 15.61
C LEU A 93 -12.30 -21.74 16.11
N ALA A 94 -11.88 -20.72 15.38
CA ALA A 94 -10.75 -19.92 15.82
C ALA A 94 -10.99 -19.34 17.19
N HIS A 95 -12.18 -18.78 17.38
CA HIS A 95 -12.53 -18.15 18.65
C HIS A 95 -12.66 -19.21 19.73
N GLN A 96 -13.30 -20.32 19.41
CA GLN A 96 -13.49 -21.37 20.43
C GLN A 96 -12.15 -21.86 20.93
N PHE A 97 -11.20 -22.02 20.01
CA PHE A 97 -9.85 -22.50 20.35
C PHE A 97 -9.10 -21.47 21.24
N THR A 98 -9.07 -20.20 20.81
CA THR A 98 -8.27 -19.25 21.60
C THR A 98 -8.89 -19.04 22.98
N GLN A 99 -10.20 -19.24 23.12
CA GLN A 99 -10.86 -18.98 24.42
C GLN A 99 -10.54 -20.02 25.49
N VAL A 100 -10.00 -21.18 25.09
CA VAL A 100 -9.71 -22.23 26.08
C VAL A 100 -8.65 -21.78 27.11
N GLN A 101 -7.52 -21.30 26.58
CA GLN A 101 -6.40 -20.92 27.47
C GLN A 101 -5.50 -19.87 26.84
N ARG A 102 -6.01 -19.20 25.80
CA ARG A 102 -5.39 -18.04 25.19
C ARG A 102 -4.05 -18.45 24.59
N ASP A 103 -4.03 -19.61 23.93
CA ASP A 103 -2.81 -20.11 23.29
C ASP A 103 -2.40 -19.18 22.16
N MET A 104 -3.40 -18.58 21.51
CA MET A 104 -3.12 -17.66 20.38
C MET A 104 -4.12 -16.51 20.43
N PHE A 105 -3.93 -15.56 19.52
CA PHE A 105 -4.68 -14.32 19.50
C PHE A 105 -5.25 -14.09 18.13
N THR A 106 -6.55 -13.77 18.05
CA THR A 106 -7.12 -13.29 16.78
C THR A 106 -7.39 -11.79 16.87
N LEU A 107 -7.89 -11.20 15.79
CA LEU A 107 -8.24 -9.78 15.86
C LEU A 107 -9.28 -9.43 16.96
N GLU A 108 -10.13 -10.38 17.37
CA GLU A 108 -11.13 -10.08 18.43
C GLU A 108 -10.53 -10.01 19.81
N ASP A 109 -9.27 -10.41 19.92
CA ASP A 109 -8.57 -10.24 21.16
C ASP A 109 -8.00 -8.84 21.31
N THR A 110 -8.13 -8.04 20.25
CA THR A 110 -7.65 -6.67 20.22
C THR A 110 -8.85 -5.75 20.36
N LEU A 111 -8.62 -4.55 20.89
CA LEU A 111 -9.71 -3.58 21.07
C LEU A 111 -10.47 -3.36 19.76
N LEU A 112 -9.73 -3.06 18.68
CA LEU A 112 -10.42 -2.70 17.42
C LEU A 112 -11.26 -3.84 16.83
N GLY A 113 -10.72 -5.06 16.81
CA GLY A 113 -11.51 -6.20 16.32
C GLY A 113 -12.75 -6.45 17.19
N TYR A 114 -12.57 -6.35 18.49
CA TYR A 114 -13.67 -6.58 19.42
C TYR A 114 -14.78 -5.54 19.20
N LEU A 115 -14.38 -4.28 18.97
CA LEU A 115 -15.39 -3.22 18.81
C LEU A 115 -16.25 -3.48 17.58
N ALA A 116 -15.61 -3.92 16.48
CA ALA A 116 -16.30 -3.98 15.16
C ALA A 116 -16.95 -5.32 14.86
N ASP A 117 -16.56 -6.38 15.60
CA ASP A 117 -16.98 -7.73 15.24
C ASP A 117 -18.52 -7.87 15.01
N ASP A 118 -18.91 -8.35 13.82
CA ASP A 118 -20.31 -8.70 13.50
C ASP A 118 -21.22 -7.45 13.31
N LEU A 119 -20.64 -6.27 13.26
CA LEU A 119 -21.42 -5.04 13.11
C LEU A 119 -21.32 -4.56 11.66
N THR A 120 -22.29 -3.73 11.29
CA THR A 120 -22.32 -3.06 10.00
C THR A 120 -22.58 -1.59 10.28
N TRP A 121 -21.99 -0.69 9.48
CA TRP A 121 -22.21 0.75 9.69
C TRP A 121 -21.93 1.50 8.40
N CYS A 122 -22.64 2.61 8.22
CA CYS A 122 -22.32 3.58 7.17
C CYS A 122 -23.09 4.88 7.42
N GLY A 123 -22.62 5.96 6.80
CA GLY A 123 -23.27 7.27 6.87
C GLY A 123 -23.74 7.73 5.50
N GLU A 124 -23.80 9.05 5.34
CA GLU A 124 -24.37 9.67 4.13
C GLU A 124 -23.53 10.89 3.81
N PHE A 125 -23.40 11.22 2.53
CA PHE A 125 -22.66 12.40 2.17
C PHE A 125 -23.44 13.61 2.64
N ASP A 126 -22.76 14.55 3.30
CA ASP A 126 -23.38 15.84 3.65
C ASP A 126 -24.67 15.82 4.50
N THR A 127 -24.91 14.72 5.23
CA THR A 127 -25.65 14.83 6.49
C THR A 127 -24.84 14.07 7.49
N SER A 128 -25.09 14.30 8.78
CA SER A 128 -24.35 13.58 9.82
C SER A 128 -25.09 12.36 10.34
N LYS A 129 -26.09 11.90 9.60
CA LYS A 129 -26.90 10.76 10.03
C LYS A 129 -26.24 9.43 9.72
N ILE A 130 -26.47 8.47 10.62
CA ILE A 130 -26.12 7.07 10.37
C ILE A 130 -27.23 6.50 9.49
N ASN A 131 -26.85 5.67 8.51
CA ASN A 131 -27.85 5.04 7.65
C ASN A 131 -28.21 3.67 8.20
N TYR A 132 -29.40 3.60 8.81
CA TYR A 132 -29.84 2.36 9.41
C TYR A 132 -30.64 1.53 8.42
N GLN A 133 -30.86 2.05 7.20
CA GLN A 133 -31.73 1.41 6.22
C GLN A 133 -30.97 0.50 5.25
N SER A 134 -29.82 0.95 4.76
CA SER A 134 -28.97 0.14 3.88
C SER A 134 -27.58 0.70 3.86
N CYS A 135 -26.61 -0.15 3.51
CA CYS A 135 -25.23 0.24 3.32
C CYS A 135 -24.70 -0.46 2.07
N PRO A 136 -23.66 0.11 1.45
CA PRO A 136 -23.18 -0.47 0.21
C PRO A 136 -22.77 -1.94 0.31
N ASP A 137 -23.18 -2.74 -0.67
CA ASP A 137 -22.63 -4.09 -0.82
C ASP A 137 -21.28 -4.05 -1.56
N TRP A 138 -20.27 -4.72 -1.00
CA TRP A 138 -18.93 -4.77 -1.62
C TRP A 138 -18.96 -5.12 -3.11
N ARG A 139 -19.82 -6.08 -3.47
CA ARG A 139 -19.86 -6.60 -4.81
C ARG A 139 -20.73 -5.73 -5.73
N LYS A 140 -21.98 -5.51 -5.33
CA LYS A 140 -22.91 -4.79 -6.18
C LYS A 140 -22.69 -3.27 -6.26
N ASP A 141 -22.24 -2.69 -5.15
CA ASP A 141 -22.22 -1.23 -5.01
C ASP A 141 -20.81 -0.65 -5.12
N CYS A 142 -19.96 -0.96 -4.12
CA CYS A 142 -18.60 -0.43 -4.11
C CYS A 142 -17.77 -1.12 -3.06
N SER A 143 -16.48 -1.27 -3.37
CA SER A 143 -15.53 -1.85 -2.41
C SER A 143 -15.06 -0.87 -1.34
N ASN A 144 -15.05 0.43 -1.63
CA ASN A 144 -14.53 1.42 -0.67
C ASN A 144 -15.61 1.93 0.27
N ASN A 145 -16.27 1.00 0.96
CA ASN A 145 -17.34 1.32 1.88
C ASN A 145 -16.80 1.21 3.32
N PRO A 146 -17.50 1.81 4.31
CA PRO A 146 -16.98 1.90 5.67
C PRO A 146 -16.55 0.55 6.26
N VAL A 147 -17.35 -0.50 6.08
CA VAL A 147 -17.03 -1.78 6.73
C VAL A 147 -15.85 -2.48 6.02
N SER A 148 -15.90 -2.52 4.68
CA SER A 148 -14.85 -3.19 3.91
C SER A 148 -13.50 -2.53 4.12
N VAL A 149 -13.49 -1.20 4.11
CA VAL A 149 -12.24 -0.46 4.28
C VAL A 149 -11.67 -0.69 5.71
N PHE A 150 -12.55 -0.72 6.70
CA PHE A 150 -12.12 -0.98 8.08
C PHE A 150 -11.43 -2.33 8.14
N TRP A 151 -12.10 -3.36 7.63
CA TRP A 151 -11.50 -4.72 7.77
C TRP A 151 -10.22 -4.86 6.99
N LYS A 152 -10.14 -4.24 5.83
CA LYS A 152 -8.91 -4.33 5.04
C LYS A 152 -7.74 -3.73 5.84
N THR A 153 -8.01 -2.58 6.45
CA THR A 153 -6.95 -1.83 7.13
C THR A 153 -6.46 -2.55 8.39
N VAL A 154 -7.40 -2.94 9.25
CA VAL A 154 -7.03 -3.62 10.52
C VAL A 154 -6.47 -5.03 10.22
N SER A 155 -6.96 -5.68 9.15
CA SER A 155 -6.45 -7.03 8.82
C SER A 155 -4.99 -6.97 8.35
N ARG A 156 -4.67 -5.92 7.58
CA ARG A 156 -3.29 -5.74 7.06
C ARG A 156 -2.39 -5.50 8.27
N ARG A 157 -2.81 -4.59 9.14
CA ARG A 157 -2.02 -4.22 10.33
C ARG A 157 -1.75 -5.42 11.21
N PHE A 158 -2.78 -6.26 11.40
CA PHE A 158 -2.57 -7.49 12.19
C PHE A 158 -1.54 -8.42 11.55
N ALA A 159 -1.58 -8.61 10.23
CA ALA A 159 -0.58 -9.48 9.58
C ALA A 159 0.82 -8.90 9.74
N GLU A 160 0.92 -7.59 9.65
CA GLU A 160 2.20 -6.86 9.76
C GLU A 160 2.82 -7.03 11.14
N ALA A 161 1.98 -7.37 12.13
CA ALA A 161 2.45 -7.46 13.53
C ALA A 161 3.05 -8.80 13.83
N ALA A 162 2.80 -9.77 12.97
CA ALA A 162 3.22 -11.16 13.24
C ALA A 162 4.72 -11.41 13.08
N CYS A 163 5.21 -12.37 13.85
CA CYS A 163 6.59 -12.83 13.74
C CYS A 163 6.65 -14.34 13.98
N ASP A 164 7.82 -14.92 13.78
CA ASP A 164 8.10 -16.33 14.09
C ASP A 164 7.16 -17.27 13.33
N VAL A 165 6.38 -18.10 14.04
CA VAL A 165 5.41 -18.95 13.34
C VAL A 165 4.02 -18.31 13.47
N VAL A 166 3.37 -18.11 12.32
CA VAL A 166 2.00 -17.57 12.30
C VAL A 166 1.09 -18.71 11.82
N HIS A 167 -0.06 -18.82 12.47
CA HIS A 167 -0.98 -19.94 12.14
C HIS A 167 -2.20 -19.39 11.39
N VAL A 168 -2.75 -20.23 10.50
CA VAL A 168 -4.01 -19.88 9.84
C VAL A 168 -4.92 -21.10 9.83
N MET A 169 -6.18 -20.91 10.28
CA MET A 169 -7.20 -21.96 10.14
C MET A 169 -7.96 -21.72 8.85
N LEU A 170 -8.11 -22.78 8.06
CA LEU A 170 -8.81 -22.74 6.76
C LEU A 170 -9.95 -23.74 6.76
N ASP A 171 -11.06 -23.37 6.15
CA ASP A 171 -12.22 -24.25 6.04
C ASP A 171 -12.06 -25.26 4.89
N GLY A 172 -11.78 -26.51 5.23
CA GLY A 172 -11.57 -27.57 4.26
C GLY A 172 -12.84 -28.05 3.57
N SER A 173 -14.00 -27.50 3.91
CA SER A 173 -15.24 -27.89 3.21
C SER A 173 -15.56 -26.97 2.01
N ARG A 174 -14.83 -25.86 1.92
CA ARG A 174 -15.01 -24.89 0.83
C ARG A 174 -14.41 -25.42 -0.46
N SER A 175 -14.99 -25.00 -1.58
CA SER A 175 -14.52 -25.41 -2.90
C SER A 175 -13.15 -24.82 -3.21
N LYS A 176 -12.83 -23.66 -2.60
CA LYS A 176 -11.49 -23.09 -2.57
C LYS A 176 -11.05 -22.97 -1.10
N ILE A 177 -10.30 -23.96 -0.63
CA ILE A 177 -9.84 -23.98 0.76
C ILE A 177 -8.98 -22.76 1.06
N PHE A 178 -8.06 -22.48 0.14
CA PHE A 178 -7.39 -21.19 0.13
C PHE A 178 -7.97 -20.40 -1.03
N ASP A 179 -8.50 -19.21 -0.71
CA ASP A 179 -9.14 -18.37 -1.69
C ASP A 179 -8.35 -17.08 -1.79
N LYS A 180 -7.72 -16.84 -2.96
CA LYS A 180 -6.93 -15.65 -3.17
C LYS A 180 -7.73 -14.35 -3.06
N ASP A 181 -9.05 -14.45 -3.17
CA ASP A 181 -9.93 -13.29 -3.12
C ASP A 181 -10.38 -12.94 -1.68
N SER A 182 -10.09 -13.81 -0.73
CA SER A 182 -10.48 -13.59 0.68
C SER A 182 -9.57 -12.52 1.27
N THR A 183 -9.94 -11.98 2.43
CA THR A 183 -9.02 -11.04 3.12
C THR A 183 -7.72 -11.74 3.51
N PHE A 184 -7.81 -12.97 3.98
CA PHE A 184 -6.59 -13.68 4.28
C PHE A 184 -5.69 -13.76 3.04
N GLY A 185 -6.27 -14.14 1.89
CA GLY A 185 -5.46 -14.39 0.69
C GLY A 185 -5.05 -13.14 -0.06
N SER A 186 -5.87 -12.10 -0.01
CA SER A 186 -5.58 -10.90 -0.83
C SER A 186 -4.80 -9.83 -0.07
N VAL A 187 -4.89 -9.86 1.26
CA VAL A 187 -4.30 -8.84 2.12
C VAL A 187 -3.25 -9.49 3.03
N GLN A 188 -3.67 -10.43 3.86
CA GLN A 188 -2.77 -10.89 4.95
C GLN A 188 -1.52 -11.64 4.47
N VAL A 189 -1.70 -12.53 3.49
CA VAL A 189 -0.57 -13.29 2.93
C VAL A 189 0.52 -12.36 2.41
N HIS A 190 0.11 -11.22 1.88
CA HIS A 190 1.04 -10.32 1.21
C HIS A 190 1.61 -9.29 2.15
N ASN A 191 1.16 -9.34 3.42
CA ASN A 191 1.63 -8.37 4.41
C ASN A 191 2.33 -8.94 5.63
N LEU A 192 2.49 -10.25 5.67
CA LEU A 192 3.40 -10.90 6.62
C LEU A 192 4.79 -10.41 6.27
N GLN A 193 5.61 -10.10 7.28
CA GLN A 193 6.90 -9.47 6.99
C GLN A 193 7.95 -10.54 6.94
N PRO A 194 8.52 -10.78 5.74
CA PRO A 194 9.50 -11.87 5.65
C PRO A 194 10.72 -11.72 6.53
N GLU A 195 11.04 -10.49 6.95
CA GLU A 195 12.20 -10.30 7.83
C GLU A 195 11.95 -10.92 9.20
N LYS A 196 10.67 -11.09 9.57
CA LYS A 196 10.26 -11.43 10.96
C LYS A 196 9.56 -12.80 11.05
N VAL A 197 8.81 -13.15 10.01
CA VAL A 197 7.99 -14.37 9.95
C VAL A 197 8.80 -15.52 9.36
N GLN A 198 8.96 -16.57 10.16
CA GLN A 198 9.73 -17.72 9.76
C GLN A 198 8.85 -18.62 8.92
N THR A 199 7.63 -18.88 9.42
CA THR A 199 6.78 -19.92 8.85
C THR A 199 5.32 -19.51 8.94
N LEU A 200 4.55 -19.80 7.88
CA LEU A 200 3.09 -19.81 7.97
C LEU A 200 2.64 -21.28 8.05
N GLU A 201 1.92 -21.62 9.11
CA GLU A 201 1.39 -22.98 9.27
C GLU A 201 -0.13 -22.95 9.14
N ALA A 202 -0.63 -23.68 8.13
CA ALA A 202 -2.07 -23.78 7.92
C ALA A 202 -2.62 -25.01 8.62
N TRP A 203 -3.76 -24.86 9.29
CA TRP A 203 -4.50 -25.99 9.82
C TRP A 203 -5.75 -26.06 8.97
N VAL A 204 -5.87 -27.12 8.18
CA VAL A 204 -7.03 -27.28 7.28
C VAL A 204 -8.11 -28.07 7.99
N ILE A 205 -9.21 -27.40 8.30
CA ILE A 205 -10.26 -27.96 9.13
C ILE A 205 -11.26 -28.74 8.29
N HIS A 206 -11.35 -30.03 8.56
CA HIS A 206 -12.28 -30.89 7.83
C HIS A 206 -13.73 -30.67 8.28
N GLY A 207 -14.67 -30.82 7.34
CA GLY A 207 -16.08 -30.60 7.64
C GLY A 207 -16.91 -31.85 7.44
N GLY A 208 -16.34 -32.80 6.71
CA GLY A 208 -17.09 -33.93 6.18
C GLY A 208 -17.19 -35.14 7.08
N ARG A 209 -17.27 -36.33 6.51
CA ARG A 209 -17.58 -37.50 7.36
C ARG A 209 -16.61 -37.91 8.44
N GLU A 210 -15.61 -38.67 8.14
CA GLU A 210 -14.75 -39.12 9.17
C GLU A 210 -13.38 -39.24 8.55
N ASP A 211 -13.14 -40.38 8.09
CA ASP A 211 -11.91 -40.70 7.35
C ASP A 211 -11.97 -40.05 5.97
N SER A 212 -10.98 -39.19 5.68
CA SER A 212 -11.00 -38.45 4.45
C SER A 212 -9.61 -38.13 3.88
N ARG A 213 -9.60 -37.24 2.89
CA ARG A 213 -8.42 -36.96 2.08
C ARG A 213 -7.37 -36.18 2.85
N ASP A 214 -6.16 -36.18 2.30
CA ASP A 214 -5.12 -35.28 2.76
C ASP A 214 -5.32 -33.94 2.06
N LEU A 215 -6.06 -33.05 2.70
CA LEU A 215 -6.36 -31.74 2.10
C LEU A 215 -5.16 -30.80 2.03
N CYS A 216 -4.05 -31.18 2.65
CA CYS A 216 -2.83 -30.42 2.50
C CYS A 216 -2.24 -30.59 1.09
N GLN A 217 -2.79 -31.53 0.31
CA GLN A 217 -2.44 -31.73 -1.10
C GLN A 217 -3.36 -31.03 -2.09
N ASP A 218 -4.35 -30.30 -1.56
CA ASP A 218 -5.32 -29.61 -2.40
C ASP A 218 -4.62 -28.58 -3.28
N PRO A 219 -5.04 -28.44 -4.56
CA PRO A 219 -4.35 -27.49 -5.44
C PRO A 219 -4.27 -26.08 -4.90
N THR A 220 -5.32 -25.63 -4.18
CA THR A 220 -5.30 -24.27 -3.60
C THR A 220 -4.29 -24.17 -2.47
N ILE A 221 -4.08 -25.26 -1.72
CA ILE A 221 -3.04 -25.30 -0.68
C ILE A 221 -1.63 -25.29 -1.30
N LYS A 222 -1.43 -26.04 -2.40
CA LYS A 222 -0.16 -25.96 -3.16
C LYS A 222 0.05 -24.52 -3.67
N GLU A 223 -1.03 -23.85 -4.07
CA GLU A 223 -0.93 -22.45 -4.50
C GLU A 223 -0.47 -21.56 -3.35
N LEU A 224 -1.08 -21.73 -2.18
CA LEU A 224 -0.70 -20.94 -1.00
C LEU A 224 0.77 -21.20 -0.66
N GLU A 225 1.15 -22.47 -0.67
CA GLU A 225 2.54 -22.83 -0.42
C GLU A 225 3.47 -22.09 -1.38
N SER A 226 3.09 -22.07 -2.66
CA SER A 226 3.95 -21.44 -3.67
C SER A 226 4.11 -19.95 -3.44
N ILE A 227 2.99 -19.27 -3.16
CA ILE A 227 3.02 -17.83 -2.92
C ILE A 227 3.89 -17.51 -1.69
N ILE A 228 3.65 -18.22 -0.59
CA ILE A 228 4.35 -17.94 0.66
C ILE A 228 5.84 -18.18 0.51
N SER A 229 6.18 -19.30 -0.13
CA SER A 229 7.57 -19.70 -0.36
C SER A 229 8.33 -18.67 -1.19
N LYS A 230 7.65 -18.11 -2.20
CA LYS A 230 8.28 -17.12 -3.05
C LYS A 230 8.45 -15.77 -2.36
N ARG A 231 7.84 -15.61 -1.18
CA ARG A 231 8.04 -14.44 -0.33
C ARG A 231 9.20 -14.65 0.65
N ASN A 232 9.87 -15.81 0.58
CA ASN A 232 10.93 -16.19 1.54
C ASN A 232 10.43 -16.47 2.94
N ILE A 233 9.25 -17.10 3.02
CA ILE A 233 8.66 -17.60 4.24
C ILE A 233 8.35 -19.09 4.05
N GLN A 234 8.61 -19.91 5.08
CA GLN A 234 8.42 -21.35 4.98
C GLN A 234 6.94 -21.64 5.15
N PHE A 235 6.48 -22.74 4.56
CA PHE A 235 5.07 -23.13 4.68
C PHE A 235 4.96 -24.53 5.26
N SER A 236 4.04 -24.68 6.21
CA SER A 236 3.71 -25.97 6.81
C SER A 236 2.20 -26.13 6.80
N CYS A 237 1.71 -27.37 6.73
CA CYS A 237 0.26 -27.59 6.72
C CYS A 237 -0.06 -28.85 7.49
N LYS A 238 -1.19 -28.82 8.20
CA LYS A 238 -1.69 -29.99 8.96
C LYS A 238 -3.18 -30.10 8.73
N ASN A 239 -3.67 -31.34 8.66
CA ASN A 239 -5.11 -31.63 8.63
C ASN A 239 -5.61 -31.68 10.04
N ILE A 240 -6.76 -31.06 10.29
CA ILE A 240 -7.54 -31.33 11.50
C ILE A 240 -8.80 -32.03 11.05
N TYR A 241 -8.77 -33.35 11.18
CA TYR A 241 -9.83 -34.21 10.66
C TYR A 241 -11.12 -34.12 11.45
N ARG A 242 -11.01 -33.95 12.76
CA ARG A 242 -12.18 -33.92 13.64
C ARG A 242 -12.06 -32.72 14.56
N PRO A 243 -12.65 -31.58 14.17
CA PRO A 243 -12.43 -30.39 15.01
C PRO A 243 -13.03 -30.54 16.40
N ASP A 244 -14.05 -31.38 16.55
CA ASP A 244 -14.61 -31.66 17.87
C ASP A 244 -13.58 -32.33 18.79
N LYS A 245 -12.86 -33.32 18.26
CA LYS A 245 -11.79 -33.98 19.02
C LYS A 245 -10.67 -33.00 19.32
N PHE A 246 -10.32 -32.20 18.32
CA PHE A 246 -9.31 -31.17 18.49
C PHE A 246 -9.62 -30.29 19.70
N LEU A 247 -10.83 -29.73 19.77
CA LEU A 247 -11.13 -28.84 20.89
C LEU A 247 -11.12 -29.59 22.20
N GLN A 248 -11.60 -30.83 22.19
CA GLN A 248 -11.56 -31.64 23.39
C GLN A 248 -10.13 -31.88 23.88
N CYS A 249 -9.21 -32.05 22.94
CA CYS A 249 -7.82 -32.29 23.31
C CYS A 249 -7.15 -31.02 23.81
N VAL A 250 -7.59 -29.87 23.32
CA VAL A 250 -7.06 -28.59 23.79
C VAL A 250 -7.52 -28.34 25.21
N LYS A 251 -8.77 -28.66 25.48
CA LYS A 251 -9.33 -28.52 26.82
C LYS A 251 -8.75 -29.53 27.82
N ASN A 252 -8.56 -30.77 27.38
CA ASN A 252 -8.21 -31.88 28.24
C ASN A 252 -7.16 -32.77 27.54
N PRO A 253 -5.91 -32.29 27.47
CA PRO A 253 -4.88 -32.95 26.64
C PRO A 253 -4.38 -34.30 27.17
N GLU A 254 -4.72 -34.61 28.42
CA GLU A 254 -4.35 -35.89 29.03
C GLU A 254 -5.34 -36.99 28.62
N ASP A 255 -6.40 -36.61 27.90
CA ASP A 255 -7.38 -37.56 27.35
C ASP A 255 -6.60 -38.59 26.53
N SER A 256 -6.84 -39.87 26.83
CA SER A 256 -6.18 -40.99 26.17
C SER A 256 -6.30 -40.95 24.65
N SER A 257 -7.43 -40.47 24.15
CA SER A 257 -7.66 -40.44 22.71
C SER A 257 -6.87 -39.35 21.97
N CYS A 258 -6.28 -38.42 22.73
CA CYS A 258 -5.49 -37.35 22.14
C CYS A 258 -4.10 -37.80 21.70
N ARG B 7 -12.52 -15.21 -20.60
CA ARG B 7 -13.22 -14.98 -19.30
C ARG B 7 -13.51 -13.51 -18.96
N TRP B 8 -14.41 -13.32 -18.01
CA TRP B 8 -15.07 -12.03 -17.86
C TRP B 8 -14.55 -11.21 -16.70
N ARG B 9 -13.62 -11.77 -15.94
CA ARG B 9 -13.03 -11.09 -14.77
C ARG B 9 -11.63 -10.61 -15.06
N GLN B 10 -11.25 -9.52 -14.41
CA GLN B 10 -9.85 -9.13 -14.32
C GLN B 10 -9.36 -9.24 -12.90
N THR B 11 -8.08 -9.57 -12.76
CA THR B 11 -7.50 -9.83 -11.46
C THR B 11 -7.37 -8.56 -10.63
N TRP B 12 -7.05 -7.45 -11.31
CA TRP B 12 -6.69 -6.22 -10.63
C TRP B 12 -7.54 -5.04 -11.05
N SER B 13 -7.44 -3.96 -10.27
CA SER B 13 -8.25 -2.73 -10.53
C SER B 13 -7.59 -1.69 -11.41
N GLY B 14 -6.25 -1.76 -11.51
CA GLY B 14 -5.50 -0.79 -12.28
C GLY B 14 -5.32 -1.16 -13.75
N PRO B 15 -4.92 -0.18 -14.59
CA PRO B 15 -4.63 -0.46 -15.98
C PRO B 15 -3.58 -1.54 -16.13
N GLY B 16 -3.67 -2.29 -17.23
CA GLY B 16 -2.75 -3.39 -17.45
C GLY B 16 -1.43 -2.89 -18.06
N THR B 17 -0.58 -3.87 -18.38
CA THR B 17 0.73 -3.52 -18.96
C THR B 17 0.50 -2.81 -20.30
N THR B 18 1.32 -1.79 -20.54
CA THR B 18 1.23 -1.01 -21.77
C THR B 18 1.44 -1.92 -22.98
N LYS B 19 0.63 -1.77 -24.03
CA LYS B 19 0.83 -2.62 -25.21
C LYS B 19 2.28 -2.57 -25.72
N ARG B 20 2.77 -3.73 -26.16
CA ARG B 20 4.12 -3.87 -26.74
C ARG B 20 5.20 -3.39 -25.76
N PHE B 21 4.96 -3.58 -24.46
CA PHE B 21 5.90 -3.16 -23.42
C PHE B 21 7.36 -3.67 -23.66
N PRO B 22 7.57 -4.96 -23.94
CA PRO B 22 8.97 -5.40 -24.13
C PRO B 22 9.63 -4.67 -25.29
N GLU B 23 8.91 -4.55 -26.41
CA GLU B 23 9.45 -3.88 -27.60
C GLU B 23 9.74 -2.40 -27.31
N THR B 24 8.84 -1.78 -26.57
CA THR B 24 8.97 -0.38 -26.19
C THR B 24 10.17 -0.12 -25.28
N VAL B 25 10.36 -0.93 -24.25
CA VAL B 25 11.47 -0.75 -23.31
C VAL B 25 12.81 -0.94 -24.04
N LEU B 26 12.90 -2.00 -24.85
CA LEU B 26 14.13 -2.21 -25.64
C LEU B 26 14.41 -1.04 -26.60
N ALA B 27 13.37 -0.53 -27.27
CA ALA B 27 13.56 0.58 -28.22
C ALA B 27 13.99 1.87 -27.50
N ARG B 28 13.43 2.10 -26.32
CA ARG B 28 13.83 3.26 -25.51
C ARG B 28 15.27 3.16 -25.06
N CYS B 29 15.68 1.96 -24.67
CA CYS B 29 17.07 1.75 -24.30
C CYS B 29 18.00 2.06 -25.48
N VAL B 30 17.67 1.53 -26.66
CA VAL B 30 18.48 1.80 -27.86
C VAL B 30 18.54 3.30 -28.16
N LYS B 31 17.39 3.95 -28.12
CA LYS B 31 17.29 5.39 -28.41
C LYS B 31 18.02 6.23 -27.37
N TYR B 32 17.93 5.84 -26.11
CA TYR B 32 18.64 6.57 -25.04
C TYR B 32 20.16 6.56 -25.25
N THR B 33 20.70 5.38 -25.54
CA THR B 33 22.16 5.23 -25.68
C THR B 33 22.64 5.91 -26.95
N GLU B 34 21.75 6.07 -27.93
CA GLU B 34 22.11 6.81 -29.16
C GLU B 34 22.29 8.29 -28.86
N ILE B 35 21.34 8.83 -28.11
CA ILE B 35 21.32 10.25 -27.74
C ILE B 35 22.39 10.58 -26.71
N HIS B 36 22.63 9.64 -25.79
CA HIS B 36 23.55 9.84 -24.66
C HIS B 36 24.76 8.90 -24.73
N PRO B 37 25.84 9.32 -25.42
CA PRO B 37 26.98 8.45 -25.65
C PRO B 37 27.66 7.93 -24.38
N GLU B 38 27.54 8.67 -23.28
CA GLU B 38 28.13 8.21 -22.00
C GLU B 38 27.48 6.94 -21.42
N MET B 39 26.34 6.52 -21.97
CA MET B 39 25.67 5.31 -21.48
C MET B 39 25.76 4.17 -22.48
N ARG B 40 26.64 4.31 -23.48
CA ARG B 40 26.76 3.27 -24.50
C ARG B 40 27.46 1.99 -24.02
N HIS B 41 28.05 2.01 -22.83
CA HIS B 41 28.62 0.80 -22.23
C HIS B 41 27.52 -0.21 -21.85
N VAL B 42 26.27 0.22 -22.01
CA VAL B 42 25.10 -0.58 -21.62
C VAL B 42 24.73 -1.60 -22.72
N ASP B 43 24.38 -2.82 -22.33
CA ASP B 43 23.84 -3.77 -23.30
C ASP B 43 22.33 -3.77 -23.15
N CYS B 44 21.63 -3.25 -24.16
CA CYS B 44 20.18 -3.05 -23.97
C CYS B 44 19.41 -4.34 -23.78
N GLN B 45 19.84 -5.43 -24.42
CA GLN B 45 19.18 -6.73 -24.20
C GLN B 45 19.33 -7.17 -22.75
N SER B 46 20.52 -6.99 -22.18
CA SER B 46 20.78 -7.33 -20.78
C SER B 46 19.95 -6.48 -19.82
N VAL B 47 19.84 -5.19 -20.15
CA VAL B 47 18.97 -4.27 -19.40
C VAL B 47 17.53 -4.76 -19.40
N TRP B 48 17.00 -5.11 -20.58
CA TRP B 48 15.62 -5.65 -20.63
C TRP B 48 15.50 -6.94 -19.82
N ASP B 49 16.49 -7.83 -19.92
CA ASP B 49 16.44 -9.09 -19.18
C ASP B 49 16.41 -8.85 -17.68
N ALA B 50 17.16 -7.84 -17.22
CA ALA B 50 17.16 -7.53 -15.81
C ALA B 50 15.85 -6.94 -15.35
N PHE B 51 15.26 -6.11 -16.20
CA PHE B 51 13.99 -5.44 -15.93
C PHE B 51 12.90 -6.53 -15.83
N LYS B 52 12.80 -7.38 -16.86
CA LYS B 52 11.84 -8.49 -16.89
C LYS B 52 11.99 -9.41 -15.66
N GLY B 53 13.23 -9.71 -15.31
CA GLY B 53 13.51 -10.58 -14.17
C GLY B 53 13.02 -10.05 -12.83
N ALA B 54 12.84 -8.74 -12.73
CA ALA B 54 12.41 -8.13 -11.48
C ALA B 54 10.97 -8.51 -11.16
N PHE B 55 10.18 -8.80 -12.21
CA PHE B 55 8.73 -8.94 -11.98
C PHE B 55 8.07 -10.14 -12.66
N ILE B 56 8.69 -10.71 -13.70
CA ILE B 56 8.05 -11.83 -14.41
C ILE B 56 7.99 -13.04 -13.45
N SER B 57 6.86 -13.75 -13.47
CA SER B 57 6.65 -14.94 -12.64
C SER B 57 6.40 -14.64 -11.17
N LYS B 58 6.50 -13.36 -10.77
CA LYS B 58 6.33 -13.00 -9.34
C LYS B 58 4.92 -12.52 -9.10
N HIS B 59 4.39 -12.81 -7.91
CA HIS B 59 3.08 -12.26 -7.56
C HIS B 59 3.17 -10.74 -7.51
N PRO B 60 2.31 -10.03 -8.28
CA PRO B 60 2.48 -8.58 -8.38
C PRO B 60 2.12 -7.78 -7.14
N CYS B 61 1.85 -8.44 -5.99
CA CYS B 61 1.76 -7.74 -4.73
C CYS B 61 2.94 -8.02 -3.82
N ASP B 62 3.94 -8.74 -4.34
CA ASP B 62 5.04 -9.26 -3.51
C ASP B 62 6.38 -8.75 -4.01
N ILE B 63 6.37 -7.65 -4.77
CA ILE B 63 7.63 -7.17 -5.35
C ILE B 63 8.44 -6.44 -4.27
N THR B 64 9.77 -6.58 -4.32
CA THR B 64 10.64 -5.96 -3.32
C THR B 64 11.67 -5.09 -4.04
N GLU B 65 12.29 -4.20 -3.31
CA GLU B 65 13.40 -3.40 -3.86
C GLU B 65 14.53 -4.30 -4.34
N GLU B 66 14.77 -5.38 -3.60
CA GLU B 66 15.81 -6.34 -3.99
C GLU B 66 15.56 -6.92 -5.40
N ASP B 67 14.28 -7.12 -5.77
CA ASP B 67 13.92 -7.64 -7.10
C ASP B 67 14.49 -6.75 -8.21
N TYR B 68 14.60 -5.45 -7.90
CA TYR B 68 15.09 -4.50 -8.92
C TYR B 68 16.59 -4.27 -8.86
N GLN B 69 17.29 -4.91 -7.92
CA GLN B 69 18.72 -4.64 -7.80
C GLN B 69 19.53 -4.92 -9.06
N PRO B 70 19.30 -6.07 -9.73
CA PRO B 70 20.06 -6.30 -10.98
C PRO B 70 19.90 -5.16 -11.99
N LEU B 71 18.68 -4.71 -12.20
CA LEU B 71 18.42 -3.58 -13.08
C LEU B 71 19.11 -2.29 -12.60
N MET B 72 19.04 -2.00 -11.30
CA MET B 72 19.69 -0.79 -10.77
C MET B 72 21.19 -0.82 -11.05
N LYS B 73 21.79 -2.02 -10.94
CA LYS B 73 23.24 -2.16 -11.17
C LYS B 73 23.59 -1.92 -12.63
N LEU B 74 22.84 -2.54 -13.55
CA LEU B 74 23.09 -2.33 -14.98
C LEU B 74 22.86 -0.86 -15.39
N GLY B 75 21.86 -0.24 -14.77
CA GLY B 75 21.51 1.15 -15.07
C GLY B 75 22.24 2.20 -14.27
N THR B 76 23.27 1.81 -13.52
CA THR B 76 24.12 2.77 -12.79
C THR B 76 24.49 3.95 -13.69
N GLN B 77 24.25 5.16 -13.18
CA GLN B 77 24.49 6.39 -13.92
C GLN B 77 24.69 7.53 -12.93
N THR B 78 25.77 8.28 -13.12
CA THR B 78 26.06 9.41 -12.25
C THR B 78 25.80 10.69 -13.03
N VAL B 79 24.74 11.40 -12.66
CA VAL B 79 24.49 12.74 -13.21
C VAL B 79 25.11 13.77 -12.26
N PRO B 80 25.51 14.94 -12.78
CA PRO B 80 26.10 15.92 -11.86
C PRO B 80 25.15 16.15 -10.68
N CYS B 81 25.65 15.87 -9.47
CA CYS B 81 24.79 15.84 -8.28
C CYS B 81 24.18 17.19 -7.88
N ASN B 82 24.81 18.29 -8.33
CA ASN B 82 24.36 19.64 -8.00
C ASN B 82 23.41 20.22 -9.05
N LYS B 83 22.93 19.37 -9.97
CA LYS B 83 22.09 19.80 -11.09
C LYS B 83 20.81 18.98 -11.16
N ILE B 84 20.29 18.60 -10.00
CA ILE B 84 19.15 17.69 -9.96
C ILE B 84 17.84 18.46 -9.75
N LEU B 85 16.82 18.13 -10.55
CA LEU B 85 15.49 18.73 -10.49
C LEU B 85 14.48 17.67 -10.08
N LEU B 86 13.87 17.87 -8.91
CA LEU B 86 12.80 16.98 -8.49
C LEU B 86 11.50 17.68 -8.81
N TRP B 87 10.39 16.94 -8.72
CA TRP B 87 9.10 17.51 -9.06
C TRP B 87 7.98 16.74 -8.41
N SER B 88 6.85 17.40 -8.27
CA SER B 88 5.66 16.77 -7.73
C SER B 88 4.47 17.32 -8.50
N ARG B 89 3.74 16.42 -9.16
CA ARG B 89 2.48 16.74 -9.88
C ARG B 89 2.57 17.74 -11.03
N ILE B 90 3.78 18.01 -11.51
CA ILE B 90 3.98 18.99 -12.57
C ILE B 90 5.11 18.52 -13.51
N LYS B 91 5.05 17.25 -13.91
CA LYS B 91 6.17 16.65 -14.62
C LYS B 91 6.37 17.24 -16.02
N ASP B 92 5.27 17.68 -16.61
CA ASP B 92 5.27 18.26 -17.96
C ASP B 92 6.18 19.49 -18.02
N LEU B 93 6.00 20.43 -17.10
CA LEU B 93 6.84 21.64 -17.07
C LEU B 93 8.29 21.31 -16.70
N ALA B 94 8.48 20.38 -15.75
CA ALA B 94 9.82 19.97 -15.33
C ALA B 94 10.63 19.45 -16.53
N HIS B 95 9.99 18.62 -17.35
CA HIS B 95 10.64 18.05 -18.53
C HIS B 95 10.88 19.10 -19.60
N GLN B 96 9.91 19.98 -19.81
CA GLN B 96 10.07 21.06 -20.78
C GLN B 96 11.28 21.93 -20.41
N PHE B 97 11.48 22.09 -19.10
CA PHE B 97 12.58 22.89 -18.58
C PHE B 97 13.94 22.22 -18.86
N THR B 98 14.10 20.94 -18.50
CA THR B 98 15.38 20.26 -18.77
C THR B 98 15.64 19.96 -20.26
N GLN B 99 14.61 20.09 -21.09
CA GLN B 99 14.81 19.99 -22.53
C GLN B 99 15.54 21.21 -23.06
N VAL B 100 15.41 22.32 -22.33
CA VAL B 100 16.04 23.58 -22.70
C VAL B 100 17.34 23.81 -21.91
N GLN B 101 17.21 23.72 -20.58
CA GLN B 101 18.35 23.77 -19.69
C GLN B 101 18.98 22.38 -19.64
N ARG B 102 19.67 22.00 -20.72
CA ARG B 102 20.25 20.68 -20.81
C ARG B 102 21.27 20.49 -19.68
N ASP B 103 21.38 21.51 -18.85
CA ASP B 103 22.31 21.57 -17.73
C ASP B 103 21.73 20.93 -16.46
N MET B 104 20.44 20.62 -16.49
CA MET B 104 19.77 20.07 -15.31
C MET B 104 18.99 18.80 -15.64
N PHE B 105 18.73 17.97 -14.64
CA PHE B 105 18.28 16.62 -14.89
C PHE B 105 17.17 16.17 -13.96
N THR B 106 16.08 15.66 -14.51
CA THR B 106 15.05 14.98 -13.73
C THR B 106 15.32 13.48 -13.79
N LEU B 107 14.58 12.73 -13.00
CA LEU B 107 14.74 11.28 -12.95
C LEU B 107 14.51 10.69 -14.31
N GLU B 108 13.57 11.27 -15.05
CA GLU B 108 13.15 10.69 -16.30
C GLU B 108 14.14 11.05 -17.42
N ASP B 109 15.19 11.80 -17.07
CA ASP B 109 16.30 12.14 -17.94
C ASP B 109 17.49 11.17 -17.78
N THR B 110 17.39 10.26 -16.81
CA THR B 110 18.36 9.17 -16.64
C THR B 110 17.87 7.95 -17.41
N LEU B 111 18.78 7.00 -17.74
CA LEU B 111 18.36 5.81 -18.50
C LEU B 111 17.15 5.14 -17.86
N LEU B 112 17.26 4.80 -16.59
CA LEU B 112 16.19 4.00 -15.98
C LEU B 112 14.87 4.75 -15.97
N GLY B 113 14.89 6.05 -15.66
CA GLY B 113 13.64 6.81 -15.64
C GLY B 113 13.04 6.91 -17.05
N TYR B 114 13.90 7.08 -18.03
CA TYR B 114 13.50 7.24 -19.42
C TYR B 114 12.83 5.94 -19.91
N LEU B 115 13.38 4.79 -19.50
CA LEU B 115 12.82 3.48 -19.92
C LEU B 115 11.40 3.34 -19.44
N ALA B 116 11.14 3.74 -18.20
CA ALA B 116 9.86 3.41 -17.53
C ALA B 116 8.81 4.50 -17.62
N ASP B 117 9.20 5.73 -17.97
CA ASP B 117 8.26 6.87 -17.93
C ASP B 117 6.96 6.62 -18.70
N ASP B 118 5.83 6.81 -18.00
CA ASP B 118 4.46 6.71 -18.58
C ASP B 118 4.02 5.27 -18.92
N LEU B 119 4.82 4.28 -18.54
CA LEU B 119 4.46 2.87 -18.80
C LEU B 119 3.93 2.21 -17.53
N THR B 120 3.18 1.12 -17.77
CA THR B 120 2.66 0.27 -16.71
C THR B 120 3.09 -1.16 -17.05
N TRP B 121 3.40 -1.98 -16.03
CA TRP B 121 3.75 -3.39 -16.28
C TRP B 121 3.46 -4.25 -15.05
N CYS B 122 3.14 -5.51 -15.28
CA CYS B 122 3.07 -6.51 -14.19
C CYS B 122 3.05 -7.91 -14.81
N GLY B 123 3.39 -8.90 -13.98
CA GLY B 123 3.34 -10.26 -14.45
C GLY B 123 2.25 -10.99 -13.73
N GLU B 124 2.39 -12.31 -13.71
CA GLU B 124 1.42 -13.20 -13.11
C GLU B 124 2.19 -14.16 -12.25
N PHE B 125 1.62 -14.50 -11.12
CA PHE B 125 2.26 -15.41 -10.26
C PHE B 125 2.49 -16.75 -10.98
N ASP B 126 3.75 -17.18 -11.00
CA ASP B 126 4.10 -18.55 -11.43
C ASP B 126 3.71 -18.89 -12.89
N THR B 127 3.54 -17.85 -13.71
CA THR B 127 3.67 -18.07 -15.17
C THR B 127 4.67 -17.08 -15.73
N SER B 128 5.11 -17.27 -16.98
CA SER B 128 6.06 -16.33 -17.61
C SER B 128 5.37 -15.16 -18.30
N LYS B 129 4.03 -15.09 -18.18
CA LYS B 129 3.27 -14.14 -18.99
C LYS B 129 3.20 -12.72 -18.40
N ILE B 130 3.25 -11.72 -19.28
CA ILE B 130 2.94 -10.35 -18.91
C ILE B 130 1.42 -10.17 -18.89
N ASN B 131 0.93 -9.41 -17.90
CA ASN B 131 -0.52 -9.18 -17.76
C ASN B 131 -0.90 -7.92 -18.51
N TYR B 132 -1.50 -8.09 -19.69
CA TYR B 132 -1.87 -6.93 -20.46
C TYR B 132 -3.28 -6.41 -20.18
N GLN B 133 -4.00 -7.07 -19.27
CA GLN B 133 -5.38 -6.71 -19.04
C GLN B 133 -5.54 -5.81 -17.82
N SER B 134 -4.80 -6.09 -16.74
CA SER B 134 -4.89 -5.26 -15.54
C SER B 134 -3.68 -5.48 -14.66
N CYS B 135 -3.37 -4.47 -13.83
CA CYS B 135 -2.25 -4.53 -12.87
C CYS B 135 -2.74 -3.90 -11.56
N PRO B 136 -2.10 -4.24 -10.43
CA PRO B 136 -2.55 -3.77 -9.11
C PRO B 136 -2.61 -2.25 -9.03
N ASP B 137 -3.71 -1.72 -8.53
CA ASP B 137 -3.79 -0.31 -8.16
C ASP B 137 -3.18 -0.16 -6.78
N TRP B 138 -2.31 0.84 -6.61
CA TRP B 138 -1.55 0.99 -5.36
C TRP B 138 -2.46 1.11 -4.14
N ARG B 139 -3.61 1.77 -4.30
CA ARG B 139 -4.54 1.98 -3.17
C ARG B 139 -5.58 0.88 -3.04
N LYS B 140 -6.20 0.49 -4.15
CA LYS B 140 -7.30 -0.49 -4.11
C LYS B 140 -6.83 -1.94 -3.97
N ASP B 141 -5.65 -2.23 -4.51
CA ASP B 141 -5.09 -3.60 -4.49
C ASP B 141 -3.96 -3.73 -3.48
N CYS B 142 -2.76 -3.27 -3.84
CA CYS B 142 -1.59 -3.47 -2.98
C CYS B 142 -0.47 -2.53 -3.39
N SER B 143 0.31 -2.05 -2.42
CA SER B 143 1.37 -1.08 -2.76
C SER B 143 2.66 -1.68 -3.29
N ASN B 144 2.94 -2.94 -2.96
CA ASN B 144 4.21 -3.56 -3.41
C ASN B 144 4.11 -4.21 -4.78
N ASN B 145 3.71 -3.39 -5.75
CA ASN B 145 3.48 -3.89 -7.10
C ASN B 145 4.64 -3.46 -7.99
N PRO B 146 4.75 -4.07 -9.17
CA PRO B 146 5.93 -3.80 -9.99
C PRO B 146 6.19 -2.33 -10.30
N VAL B 147 5.14 -1.56 -10.64
CA VAL B 147 5.39 -0.16 -11.00
C VAL B 147 5.73 0.68 -9.77
N SER B 148 4.97 0.51 -8.69
CA SER B 148 5.18 1.35 -7.49
C SER B 148 6.54 1.09 -6.87
N VAL B 149 6.93 -0.17 -6.76
CA VAL B 149 8.21 -0.53 -6.15
C VAL B 149 9.34 0.02 -7.02
N PHE B 150 9.23 -0.10 -8.34
CA PHE B 150 10.27 0.48 -9.23
C PHE B 150 10.45 1.96 -8.92
N TRP B 151 9.36 2.72 -8.95
CA TRP B 151 9.52 4.18 -8.76
C TRP B 151 10.01 4.56 -7.38
N LYS B 152 9.55 3.82 -6.36
CA LYS B 152 10.07 4.05 -5.00
C LYS B 152 11.59 3.88 -4.93
N THR B 153 12.08 2.80 -5.55
CA THR B 153 13.50 2.45 -5.49
C THR B 153 14.35 3.48 -6.25
N VAL B 154 14.01 3.71 -7.51
CA VAL B 154 14.81 4.68 -8.30
C VAL B 154 14.71 6.11 -7.78
N SER B 155 13.53 6.49 -7.28
CA SER B 155 13.35 7.87 -6.76
C SER B 155 14.17 8.09 -5.49
N ARG B 156 14.23 7.08 -4.64
CA ARG B 156 15.06 7.15 -3.45
C ARG B 156 16.53 7.30 -3.83
N ARG B 157 17.01 6.43 -4.71
CA ARG B 157 18.43 6.48 -5.14
C ARG B 157 18.78 7.82 -5.76
N PHE B 158 17.85 8.36 -6.55
CA PHE B 158 18.03 9.67 -7.13
C PHE B 158 18.19 10.78 -6.10
N ALA B 159 17.31 10.83 -5.09
CA ALA B 159 17.41 11.84 -4.00
C ALA B 159 18.70 11.71 -3.16
N GLU B 160 19.08 10.46 -2.88
CA GLU B 160 20.27 10.18 -2.09
C GLU B 160 21.56 10.71 -2.70
N ALA B 161 21.58 10.75 -4.03
CA ALA B 161 22.76 11.17 -4.80
C ALA B 161 22.91 12.69 -4.91
N ALA B 162 21.83 13.41 -4.64
CA ALA B 162 21.78 14.85 -4.86
C ALA B 162 22.71 15.59 -3.90
N CYS B 163 23.25 16.72 -4.35
CA CYS B 163 24.16 17.49 -3.53
C CYS B 163 23.97 18.99 -3.76
N ASP B 164 24.59 19.80 -2.90
CA ASP B 164 24.57 21.26 -3.02
C ASP B 164 23.15 21.84 -2.99
N VAL B 165 22.72 22.50 -4.06
CA VAL B 165 21.36 22.99 -4.14
C VAL B 165 20.55 22.00 -4.98
N VAL B 166 19.51 21.47 -4.36
CA VAL B 166 18.57 20.59 -5.05
C VAL B 166 17.33 21.43 -5.29
N HIS B 167 16.80 21.40 -6.52
CA HIS B 167 15.59 22.14 -6.86
C HIS B 167 14.41 21.20 -6.97
N VAL B 168 13.24 21.69 -6.57
CA VAL B 168 12.02 20.94 -6.75
C VAL B 168 10.93 21.83 -7.33
N MET B 169 10.29 21.36 -8.40
CA MET B 169 9.15 22.07 -8.99
C MET B 169 7.87 21.57 -8.37
N LEU B 170 7.05 22.48 -7.86
CA LEU B 170 5.78 22.08 -7.26
C LEU B 170 4.61 22.76 -7.96
N ASP B 171 3.47 22.07 -7.97
CA ASP B 171 2.26 22.60 -8.60
C ASP B 171 1.44 23.49 -7.65
N GLY B 172 1.57 24.80 -7.85
CA GLY B 172 0.87 25.77 -7.02
C GLY B 172 -0.61 25.93 -7.32
N SER B 173 -1.13 25.16 -8.27
CA SER B 173 -2.55 25.20 -8.63
C SER B 173 -3.40 24.15 -7.88
N ARG B 174 -2.76 23.31 -7.08
CA ARG B 174 -3.47 22.30 -6.28
C ARG B 174 -3.62 22.75 -4.83
N SER B 175 -4.46 22.03 -4.08
CA SER B 175 -4.78 22.36 -2.70
C SER B 175 -3.84 21.66 -1.71
N LYS B 176 -2.85 20.97 -2.26
CA LYS B 176 -1.73 20.42 -1.51
C LYS B 176 -0.51 20.64 -2.37
N ILE B 177 0.11 21.81 -2.24
CA ILE B 177 1.26 22.20 -3.06
C ILE B 177 2.46 21.30 -2.73
N PHE B 178 2.71 21.12 -1.43
CA PHE B 178 3.56 20.05 -0.98
C PHE B 178 2.70 18.95 -0.37
N ASP B 179 2.89 17.74 -0.87
CA ASP B 179 2.12 16.59 -0.41
C ASP B 179 3.06 15.58 0.24
N LYS B 180 2.89 15.44 1.55
CA LYS B 180 3.70 14.55 2.38
C LYS B 180 3.64 13.12 1.87
N ASP B 181 2.53 12.79 1.21
CA ASP B 181 2.25 11.42 0.75
C ASP B 181 2.73 11.14 -0.67
N SER B 182 3.22 12.17 -1.36
CA SER B 182 3.78 12.01 -2.70
C SER B 182 5.13 11.30 -2.64
N THR B 183 5.59 10.80 -3.78
CA THR B 183 6.95 10.26 -3.88
C THR B 183 7.96 11.31 -3.43
N PHE B 184 7.82 12.54 -3.92
CA PHE B 184 8.73 13.57 -3.44
C PHE B 184 8.68 13.67 -1.92
N GLY B 185 7.47 13.73 -1.37
CA GLY B 185 7.29 13.95 0.07
C GLY B 185 7.61 12.77 0.99
N SER B 186 7.35 11.55 0.51
CA SER B 186 7.47 10.36 1.36
C SER B 186 8.76 9.56 1.17
N VAL B 187 9.43 9.78 0.04
CA VAL B 187 10.60 9.01 -0.33
C VAL B 187 11.83 9.90 -0.53
N GLN B 188 11.66 11.07 -1.14
CA GLN B 188 12.82 11.87 -1.54
C GLN B 188 13.33 12.86 -0.48
N VAL B 189 12.42 13.63 0.10
CA VAL B 189 12.76 14.63 1.14
C VAL B 189 13.54 14.02 2.29
N HIS B 190 13.14 12.83 2.72
CA HIS B 190 13.73 12.22 3.90
C HIS B 190 15.05 11.53 3.56
N ASN B 191 15.39 11.51 2.27
CA ASN B 191 16.62 10.91 1.80
C ASN B 191 17.61 11.90 1.19
N LEU B 192 17.31 13.19 1.29
CA LEU B 192 18.30 14.23 1.02
C LEU B 192 19.30 14.25 2.18
N GLN B 193 20.57 14.03 1.87
CA GLN B 193 21.58 13.90 2.92
C GLN B 193 22.22 15.24 3.26
N PRO B 194 22.11 15.68 4.54
CA PRO B 194 22.68 16.93 5.05
C PRO B 194 24.18 17.11 4.75
N GLU B 195 24.91 16.00 4.67
CA GLU B 195 26.36 16.03 4.43
C GLU B 195 26.66 16.39 2.97
N LYS B 196 25.64 16.35 2.14
CA LYS B 196 25.78 16.61 0.72
C LYS B 196 24.97 17.83 0.30
N VAL B 197 23.78 17.98 0.88
CA VAL B 197 22.82 19.00 0.47
C VAL B 197 22.79 20.18 1.43
N GLN B 198 23.05 21.36 0.88
CA GLN B 198 23.05 22.59 1.66
C GLN B 198 21.66 23.22 1.65
N THR B 199 20.98 23.13 0.51
CA THR B 199 19.73 23.84 0.27
C THR B 199 18.78 23.05 -0.63
N LEU B 200 17.52 23.00 -0.20
CA LEU B 200 16.42 22.61 -1.07
C LEU B 200 15.71 23.89 -1.48
N GLU B 201 15.57 24.09 -2.78
CA GLU B 201 14.91 25.27 -3.31
C GLU B 201 13.68 24.86 -4.07
N ALA B 202 12.53 25.32 -3.60
CA ALA B 202 11.26 24.99 -4.25
C ALA B 202 10.90 26.07 -5.25
N TRP B 203 10.43 25.64 -6.42
CA TRP B 203 9.88 26.54 -7.41
C TRP B 203 8.40 26.24 -7.50
N VAL B 204 7.59 27.14 -6.94
CA VAL B 204 6.16 26.92 -6.90
C VAL B 204 5.52 27.52 -8.15
N ILE B 205 5.07 26.64 -9.03
CA ILE B 205 4.51 27.03 -10.31
C ILE B 205 3.05 27.42 -10.20
N HIS B 206 2.77 28.68 -10.54
CA HIS B 206 1.41 29.20 -10.56
C HIS B 206 0.64 28.67 -11.76
N GLY B 207 -0.60 28.25 -11.51
CA GLY B 207 -1.54 27.99 -12.59
C GLY B 207 -2.46 29.19 -12.62
N GLY B 208 -2.44 29.94 -11.53
CA GLY B 208 -3.36 31.06 -11.29
C GLY B 208 -3.41 32.09 -12.40
N ARG B 209 -4.61 32.60 -12.66
CA ARG B 209 -4.81 33.58 -13.70
C ARG B 209 -4.31 34.95 -13.23
N GLU B 210 -3.08 35.38 -13.24
CA GLU B 210 -2.28 36.69 -13.17
C GLU B 210 -2.19 37.80 -12.13
N ASP B 211 -2.34 37.48 -10.93
CA ASP B 211 -2.10 38.40 -9.83
C ASP B 211 -2.53 37.56 -8.69
N SER B 212 -1.55 36.76 -8.30
CA SER B 212 -1.79 35.73 -7.31
C SER B 212 -0.96 35.91 -6.05
N ARG B 213 -1.18 35.01 -5.09
CA ARG B 213 -0.51 35.00 -3.79
C ARG B 213 0.98 34.74 -3.88
N ASP B 214 1.66 35.02 -2.77
CA ASP B 214 2.98 34.50 -2.51
C ASP B 214 2.73 33.09 -1.98
N LEU B 215 2.80 32.11 -2.88
CA LEU B 215 2.45 30.74 -2.52
C LEU B 215 3.54 30.07 -1.71
N CYS B 216 4.66 30.76 -1.55
CA CYS B 216 5.72 30.32 -0.66
C CYS B 216 5.33 30.46 0.83
N GLN B 217 4.22 31.13 1.09
CA GLN B 217 3.66 31.19 2.44
C GLN B 217 2.50 30.22 2.67
N ASP B 218 2.27 29.32 1.72
CA ASP B 218 1.25 28.27 1.87
C ASP B 218 1.62 27.34 3.04
N PRO B 219 0.62 26.90 3.83
CA PRO B 219 0.92 26.03 4.97
C PRO B 219 1.67 24.74 4.61
N THR B 220 1.38 24.15 3.45
CA THR B 220 2.07 22.93 3.05
C THR B 220 3.54 23.22 2.73
N ILE B 221 3.81 24.43 2.24
CA ILE B 221 5.18 24.89 2.02
C ILE B 221 5.88 25.15 3.37
N LYS B 222 5.14 25.70 4.32
CA LYS B 222 5.65 25.88 5.67
C LYS B 222 5.99 24.53 6.30
N GLU B 223 5.14 23.53 6.04
CA GLU B 223 5.37 22.14 6.44
C GLU B 223 6.63 21.58 5.78
N LEU B 224 6.79 21.82 4.48
CA LEU B 224 8.00 21.41 3.79
C LEU B 224 9.23 22.08 4.40
N GLU B 225 9.15 23.39 4.63
CA GLU B 225 10.25 24.12 5.24
C GLU B 225 10.63 23.55 6.61
N SER B 226 9.62 23.24 7.44
CA SER B 226 9.88 22.64 8.74
C SER B 226 10.61 21.31 8.64
N ILE B 227 10.21 20.49 7.67
CA ILE B 227 10.79 19.17 7.49
C ILE B 227 12.27 19.19 7.10
N ILE B 228 12.64 19.98 6.09
CA ILE B 228 14.04 20.00 5.68
C ILE B 228 14.94 20.77 6.67
N SER B 229 14.37 21.79 7.33
CA SER B 229 15.08 22.52 8.39
C SER B 229 15.55 21.59 9.50
N LYS B 230 14.67 20.68 9.90
CA LYS B 230 14.99 19.74 10.97
C LYS B 230 16.04 18.72 10.51
N ARG B 231 16.16 18.53 9.20
CA ARG B 231 17.21 17.67 8.63
C ARG B 231 18.53 18.43 8.42
N ASN B 232 18.62 19.65 8.96
CA ASN B 232 19.79 20.53 8.86
C ASN B 232 20.11 20.98 7.44
N ILE B 233 19.06 21.22 6.66
CA ILE B 233 19.15 21.68 5.28
C ILE B 233 18.41 23.02 5.18
N GLN B 234 19.00 23.99 4.48
CA GLN B 234 18.37 25.30 4.32
C GLN B 234 17.22 25.23 3.32
N PHE B 235 16.19 26.06 3.53
CA PHE B 235 15.05 26.06 2.61
C PHE B 235 14.88 27.39 1.89
N SER B 236 14.78 27.33 0.57
CA SER B 236 14.52 28.48 -0.27
C SER B 236 13.27 28.20 -1.10
N CYS B 237 12.47 29.24 -1.34
CA CYS B 237 11.26 29.08 -2.14
C CYS B 237 11.09 30.25 -3.12
N LYS B 238 10.68 29.93 -4.34
CA LYS B 238 10.44 30.92 -5.40
C LYS B 238 9.08 30.73 -6.03
N ASN B 239 8.41 31.84 -6.31
CA ASN B 239 7.21 31.81 -7.12
C ASN B 239 7.59 31.92 -8.60
N ILE B 240 6.97 31.07 -9.41
CA ILE B 240 6.98 31.22 -10.87
C ILE B 240 5.54 31.57 -11.30
N TYR B 241 5.30 32.87 -11.46
CA TYR B 241 3.96 33.37 -11.71
C TYR B 241 3.45 33.05 -13.11
N ARG B 242 4.36 33.08 -14.09
CA ARG B 242 4.00 32.86 -15.49
C ARG B 242 4.87 31.78 -16.13
N PRO B 243 4.43 30.51 -16.03
CA PRO B 243 5.12 29.33 -16.56
C PRO B 243 5.57 29.50 -18.01
N ASP B 244 4.67 30.04 -18.85
CA ASP B 244 4.95 30.25 -20.26
C ASP B 244 6.11 31.22 -20.48
N LYS B 245 6.09 32.35 -19.77
CA LYS B 245 7.16 33.33 -19.81
C LYS B 245 8.47 32.76 -19.30
N PHE B 246 8.38 32.10 -18.14
CA PHE B 246 9.52 31.45 -17.53
C PHE B 246 10.25 30.61 -18.57
N LEU B 247 9.52 29.72 -19.25
CA LEU B 247 10.11 28.85 -20.27
C LEU B 247 10.77 29.61 -21.41
N GLN B 248 10.13 30.69 -21.85
CA GLN B 248 10.70 31.49 -22.93
C GLN B 248 12.00 32.17 -22.51
N CYS B 249 12.05 32.64 -21.26
CA CYS B 249 13.26 33.22 -20.71
C CYS B 249 14.36 32.18 -20.60
N VAL B 250 14.01 30.97 -20.17
CA VAL B 250 14.99 29.88 -20.09
C VAL B 250 15.56 29.56 -21.49
N LYS B 251 14.66 29.54 -22.47
CA LYS B 251 15.00 29.22 -23.86
C LYS B 251 15.93 30.25 -24.46
N ASN B 252 15.67 31.54 -24.17
CA ASN B 252 16.50 32.61 -24.69
C ASN B 252 16.78 33.68 -23.63
N PRO B 253 17.94 33.59 -22.96
CA PRO B 253 18.37 34.48 -21.89
C PRO B 253 18.64 35.93 -22.34
N GLU B 254 18.84 36.85 -21.38
CA GLU B 254 19.50 38.23 -21.31
C GLU B 254 19.18 39.70 -21.61
N ASP B 255 18.27 39.97 -22.54
CA ASP B 255 17.99 41.36 -22.94
C ASP B 255 16.54 41.75 -22.70
N SER B 256 15.77 40.74 -22.95
CA SER B 256 14.30 40.84 -22.86
C SER B 256 13.79 41.08 -21.43
N SER B 257 12.47 41.23 -21.29
CA SER B 257 11.85 41.63 -20.02
C SER B 257 11.76 40.49 -19.00
N CYS B 258 12.87 39.78 -18.82
CA CYS B 258 12.95 38.65 -17.90
C CYS B 258 13.51 39.05 -16.55
#